data_3W7C
#
_entry.id   3W7C
#
_cell.length_a   68.016
_cell.length_b   71.599
_cell.length_c   129.440
_cell.angle_alpha   90.000
_cell.angle_beta   90.000
_cell.angle_gamma   90.000
#
_symmetry.space_group_name_H-M   'P 21 21 21'
#
loop_
_entity.id
_entity.type
_entity.pdbx_description
1 polymer 'Dihydroorotate dehydrogenase (fumarate)'
2 non-polymer '5-[2-(5-methoxynaphthalen-2-yl)ethyl]-2,6-dioxo-1,2,3,6-tetrahydropyrimidine-4-carboxylic acid'
3 non-polymer GLYCEROL
4 non-polymer 'FLAVIN MONONUCLEOTIDE'
5 non-polymer 'COBALT HEXAMMINE(III)'
6 water water
#
_entity_poly.entity_id   1
_entity_poly.type   'polypeptide(L)'
_entity_poly.pdbx_seq_one_letter_code
;MCLKLNLLDHVFANPFMNAAGVLCSTEEDLRCMTASSSGALVSKSCTSAPRDGNPEPRYMAFPLGSINSMGLPNLGFDFY
LKYASDLHDYSKKPLFLSISGLSVEENVAMVRRLAPVAQEKGVLLELNLSCPNVPGKPQVAYDFEAMRTYLQQVSLAYGL
PFGVKMPPYFDIAHFDTAAAVLNEFPLVKFVTCVNSVGNGLVIDAESESVVIKPKQGFGGLGGKYILPTALANVNAFYRR
CPDKLVFGCGGVYSGEDAFLHILAGASMVQVGTALQEEGPGIFTRLEDELLEIMARKGYRTLEEFRGRVKTIE
;
_entity_poly.pdbx_strand_id   A,B
#
# COMPACT_ATOMS: atom_id res chain seq x y z
N MET A 1 7.85 -33.67 -14.14
CA MET A 1 7.39 -32.34 -13.60
C MET A 1 8.23 -31.97 -12.39
N CYS A 2 8.80 -30.76 -12.37
CA CYS A 2 9.60 -30.44 -11.23
C CYS A 2 9.76 -28.96 -11.01
N LEU A 3 10.14 -28.66 -9.78
CA LEU A 3 10.21 -27.30 -9.29
C LEU A 3 11.65 -26.85 -9.18
N LYS A 4 12.60 -27.64 -9.69
CA LYS A 4 14.03 -27.31 -9.64
C LYS A 4 14.31 -26.02 -10.41
N LEU A 5 15.24 -25.26 -9.85
CA LEU A 5 15.79 -24.09 -10.51
C LEU A 5 17.31 -24.04 -10.39
N ASN A 6 17.98 -23.43 -11.37
CA ASN A 6 19.44 -23.24 -11.31
C ASN A 6 19.59 -21.80 -11.63
N LEU A 7 19.95 -21.04 -10.63
CA LEU A 7 20.30 -19.65 -10.80
C LEU A 7 21.36 -19.14 -9.88
N LEU A 8 21.93 -18.00 -10.26
CA LEU A 8 23.06 -17.44 -9.54
C LEU A 8 24.14 -18.46 -9.25
N ASP A 9 24.35 -19.42 -10.15
CA ASP A 9 25.34 -20.46 -9.98
C ASP A 9 25.07 -21.39 -8.80
N HIS A 10 23.80 -21.48 -8.39
CA HIS A 10 23.42 -22.42 -7.38
C HIS A 10 22.27 -23.24 -7.90
N VAL A 11 22.07 -24.37 -7.25
CA VAL A 11 20.93 -25.23 -7.55
C VAL A 11 19.91 -25.26 -6.38
N PHE A 12 18.64 -25.17 -6.74
CA PHE A 12 17.57 -25.04 -5.76
C PHE A 12 16.53 -26.10 -6.03
N ALA A 13 16.17 -26.86 -5.01
CA ALA A 13 15.20 -27.94 -5.23
C ALA A 13 13.82 -27.41 -5.68
N ASN A 14 13.47 -26.21 -5.19
CA ASN A 14 12.18 -25.58 -5.44
C ASN A 14 12.37 -24.08 -5.21
N PRO A 15 11.35 -23.27 -5.53
CA PRO A 15 11.62 -21.82 -5.45
C PRO A 15 11.40 -21.21 -4.07
N PHE A 16 10.88 -21.99 -3.14
CA PHE A 16 10.42 -21.46 -1.86
C PHE A 16 11.56 -21.21 -0.87
N MET A 17 11.41 -20.10 -0.16
CA MET A 17 12.29 -19.74 0.95
C MET A 17 11.55 -18.88 1.95
N ASN A 18 12.08 -18.77 3.17
CA ASN A 18 11.55 -17.79 4.10
C ASN A 18 11.82 -16.36 3.60
N ALA A 19 10.97 -15.43 3.98
CA ALA A 19 11.23 -13.95 3.90
C ALA A 19 12.11 -13.54 5.03
N ALA A 20 13.09 -12.68 4.75
CA ALA A 20 13.97 -12.27 5.76
C ALA A 20 13.15 -11.74 6.94
N GLY A 21 13.62 -12.15 8.11
CA GLY A 21 13.09 -11.74 9.37
C GLY A 21 12.15 -12.78 10.00
N VAL A 22 11.70 -13.71 9.19
CA VAL A 22 10.83 -14.76 9.73
C VAL A 22 11.58 -16.10 9.87
N LEU A 23 11.59 -16.67 11.05
CA LEU A 23 12.23 -17.95 11.27
C LEU A 23 13.69 -17.99 10.80
N CYS A 24 14.39 -16.88 11.01
CA CYS A 24 15.81 -16.77 10.64
C CYS A 24 16.79 -16.10 11.63
N SER A 25 16.38 -15.83 12.87
CA SER A 25 17.24 -15.03 13.75
C SER A 25 18.33 -15.69 14.56
N THR A 26 18.07 -16.93 14.95
CA THR A 26 18.96 -17.66 15.83
C THR A 26 19.48 -18.94 15.12
N GLU A 27 20.49 -19.61 15.72
CA GLU A 27 21.01 -20.81 15.14
C GLU A 27 19.89 -21.82 15.07
N GLU A 28 19.09 -21.85 16.13
CA GLU A 28 17.96 -22.76 16.15
C GLU A 28 17.06 -22.51 14.89
N ASP A 29 16.68 -21.25 14.68
CA ASP A 29 15.81 -20.88 13.54
C ASP A 29 16.42 -21.35 12.23
N LEU A 30 17.71 -21.03 12.05
CA LEU A 30 18.39 -21.35 10.81
C LEU A 30 18.54 -22.86 10.60
N ARG A 31 18.82 -23.65 11.64
CA ARG A 31 18.79 -25.11 11.54
C ARG A 31 17.40 -25.62 11.15
N CYS A 32 16.36 -25.00 11.69
CA CYS A 32 14.97 -25.38 11.39
C CYS A 32 14.64 -25.09 9.95
N MET A 33 15.06 -23.93 9.43
CA MET A 33 14.79 -23.63 8.06
C MET A 33 15.58 -24.58 7.17
N THR A 34 16.79 -24.89 7.53
CA THR A 34 17.62 -25.85 6.76
C THR A 34 16.96 -27.25 6.67
N ALA A 35 16.42 -27.71 7.81
CA ALA A 35 15.76 -29.00 7.90
C ALA A 35 14.43 -29.07 7.17
N SER A 36 13.86 -27.91 6.87
CA SER A 36 12.58 -27.84 6.14
C SER A 36 12.71 -28.18 4.66
N SER A 37 11.59 -28.31 3.97
CA SER A 37 11.67 -28.63 2.54
C SER A 37 11.81 -27.38 1.69
N SER A 38 12.08 -26.20 2.28
CA SER A 38 12.30 -25.02 1.47
C SER A 38 13.49 -25.23 0.51
N GLY A 39 13.48 -24.50 -0.63
CA GLY A 39 14.59 -24.58 -1.57
C GLY A 39 15.83 -23.78 -1.17
N ALA A 40 15.65 -22.81 -0.28
CA ALA A 40 16.74 -22.00 0.24
C ALA A 40 16.31 -21.35 1.57
N LEU A 41 17.21 -20.64 2.22
CA LEU A 41 16.83 -19.84 3.37
C LEU A 41 17.62 -18.53 3.35
N VAL A 42 17.07 -17.54 4.03
CA VAL A 42 17.77 -16.26 4.20
C VAL A 42 17.85 -15.95 5.71
N SER A 43 19.00 -15.44 6.15
CA SER A 43 19.18 -15.06 7.53
C SER A 43 18.49 -13.74 7.86
N LYS A 44 18.20 -13.50 9.14
CA LYS A 44 17.64 -12.25 9.59
C LYS A 44 18.57 -11.08 9.23
N SER A 45 17.98 -9.98 8.77
CA SER A 45 18.71 -8.75 8.39
C SER A 45 19.51 -8.36 9.61
N CYS A 46 20.80 -8.08 9.41
CA CYS A 46 21.64 -7.84 10.56
C CYS A 46 22.35 -6.46 10.47
N THR A 47 22.85 -6.11 11.65
CA THR A 47 23.61 -4.87 11.87
C THR A 47 24.96 -5.28 12.46
N SER A 48 25.91 -4.36 12.47
CA SER A 48 27.19 -4.63 12.97
C SER A 48 27.15 -5.11 14.39
N ALA A 49 26.38 -4.43 15.23
CA ALA A 49 26.27 -4.85 16.62
C ALA A 49 24.96 -5.61 16.80
N PRO A 50 24.91 -6.50 17.79
CA PRO A 50 23.59 -7.13 18.15
C PRO A 50 22.58 -6.05 18.55
N ARG A 51 21.27 -6.28 18.30
CA ARG A 51 20.23 -5.36 18.68
C ARG A 51 19.10 -6.17 19.37
N ASP A 52 18.48 -5.52 20.39
CA ASP A 52 17.32 -6.11 21.10
C ASP A 52 16.04 -5.83 20.30
N GLY A 53 16.05 -4.77 19.52
CA GLY A 53 14.87 -4.35 18.79
C GLY A 53 13.90 -3.54 19.64
N ASN A 54 12.71 -3.34 19.09
CA ASN A 54 11.69 -2.50 19.71
C ASN A 54 10.95 -3.17 20.86
N PRO A 55 10.29 -2.36 21.70
CA PRO A 55 9.48 -3.00 22.76
C PRO A 55 8.34 -3.86 22.24
N GLU A 56 8.01 -4.87 23.00
CA GLU A 56 6.89 -5.78 22.69
C GLU A 56 5.59 -5.25 23.28
N PRO A 57 4.46 -5.55 22.64
CA PRO A 57 4.28 -6.40 21.47
C PRO A 57 4.71 -5.63 20.22
N ARG A 58 5.39 -6.31 19.32
CA ARG A 58 5.88 -5.68 18.15
C ARG A 58 5.54 -6.41 16.84
N TYR A 59 4.82 -7.52 16.95
CA TYR A 59 4.28 -8.24 15.84
C TYR A 59 2.95 -8.79 16.21
N MET A 60 2.00 -8.64 15.33
CA MET A 60 0.67 -9.26 15.51
C MET A 60 0.13 -9.67 14.17
N ALA A 61 -0.60 -10.79 14.18
CA ALA A 61 -1.15 -11.38 12.96
C ALA A 61 -2.67 -11.60 13.09
N PHE A 62 -3.33 -11.60 11.96
CA PHE A 62 -4.78 -11.62 11.88
C PHE A 62 -5.11 -12.37 10.60
N PRO A 63 -6.40 -12.69 10.39
CA PRO A 63 -6.87 -13.42 9.21
C PRO A 63 -6.34 -12.94 7.86
N LEU A 64 -6.13 -11.64 7.76
CA LEU A 64 -5.75 -11.03 6.47
C LEU A 64 -4.27 -10.63 6.43
N GLY A 65 -3.50 -10.87 7.47
CA GLY A 65 -2.09 -10.52 7.42
C GLY A 65 -1.52 -10.15 8.77
N SER A 66 -0.41 -9.40 8.74
CA SER A 66 0.31 -9.07 9.94
C SER A 66 0.78 -7.59 9.91
N ILE A 67 1.15 -7.11 11.07
CA ILE A 67 1.75 -5.82 11.23
C ILE A 67 2.95 -5.97 12.12
N ASN A 68 4.05 -5.26 11.83
CA ASN A 68 5.18 -5.41 12.70
C ASN A 68 5.99 -4.13 12.78
N SER A 69 6.51 -3.90 13.96
CA SER A 69 7.61 -2.91 14.09
C SER A 69 8.68 -3.54 14.97
N MET A 70 9.35 -4.51 14.38
CA MET A 70 10.30 -5.28 15.16
C MET A 70 11.48 -4.42 15.61
N GLY A 71 11.88 -3.49 14.75
CA GLY A 71 13.08 -2.74 15.03
C GLY A 71 14.41 -3.38 14.89
N LEU A 72 14.53 -4.28 13.91
CA LEU A 72 15.77 -4.98 13.61
C LEU A 72 16.45 -5.65 14.80
N PRO A 73 15.70 -6.47 15.54
CA PRO A 73 16.39 -7.29 16.52
C PRO A 73 17.22 -8.37 15.83
N ASN A 74 18.48 -8.60 16.22
CA ASN A 74 19.33 -9.56 15.53
C ASN A 74 20.56 -9.84 16.38
N LEU A 75 21.22 -10.95 16.12
CA LEU A 75 22.37 -11.38 16.93
C LEU A 75 23.70 -10.72 16.53
N GLY A 76 23.66 -9.92 15.50
CA GLY A 76 24.81 -9.13 15.05
C GLY A 76 25.50 -9.86 13.91
N PHE A 77 26.20 -9.12 13.09
CA PHE A 77 26.81 -9.64 11.90
C PHE A 77 27.74 -10.74 12.17
N ASP A 78 28.55 -10.66 13.24
CA ASP A 78 29.53 -11.69 13.41
C ASP A 78 28.87 -13.08 13.53
N PHE A 79 27.72 -13.11 14.18
CA PHE A 79 26.98 -14.34 14.31
C PHE A 79 26.54 -14.89 12.98
N TYR A 80 25.90 -14.05 12.16
CA TYR A 80 25.45 -14.49 10.80
C TYR A 80 26.60 -14.88 9.86
N LEU A 81 27.73 -14.19 9.98
CA LEU A 81 28.91 -14.54 9.23
C LEU A 81 29.48 -15.89 9.61
N LYS A 82 29.52 -16.16 10.89
CA LYS A 82 29.96 -17.45 11.35
C LYS A 82 29.03 -18.57 10.96
N TYR A 83 27.73 -18.32 10.98
CA TYR A 83 26.75 -19.33 10.56
C TYR A 83 27.09 -19.63 9.08
N ALA A 84 27.31 -18.60 8.27
CA ALA A 84 27.60 -18.83 6.84
C ALA A 84 28.96 -19.50 6.64
N SER A 85 29.96 -19.15 7.46
CA SER A 85 31.28 -19.65 7.17
C SER A 85 31.52 -21.04 7.75
N ASP A 86 30.93 -21.33 8.91
CA ASP A 86 31.27 -22.50 9.74
C ASP A 86 30.10 -23.47 10.04
N LEU A 87 28.85 -23.02 10.03
CA LEU A 87 27.77 -23.84 10.54
C LEU A 87 26.76 -24.31 9.49
N HIS A 88 26.51 -23.48 8.50
CA HIS A 88 25.50 -23.84 7.52
C HIS A 88 25.93 -25.02 6.71
N ASP A 89 25.05 -26.00 6.49
CA ASP A 89 25.39 -27.10 5.56
C ASP A 89 24.88 -26.80 4.12
N TYR A 90 25.79 -26.42 3.23
CA TYR A 90 25.47 -26.02 1.88
C TYR A 90 25.08 -27.21 1.02
N SER A 91 25.30 -28.43 1.49
CA SER A 91 24.83 -29.61 0.77
C SER A 91 23.28 -29.74 0.89
N LYS A 92 22.68 -29.10 1.87
CA LYS A 92 21.23 -29.13 2.04
C LYS A 92 20.52 -28.17 1.12
N LYS A 93 20.96 -26.92 1.11
CA LYS A 93 20.39 -25.91 0.28
C LYS A 93 21.23 -24.64 0.37
N PRO A 94 21.01 -23.73 -0.56
CA PRO A 94 21.73 -22.45 -0.51
C PRO A 94 21.28 -21.54 0.60
N LEU A 95 22.15 -20.64 0.99
CA LEU A 95 21.93 -19.62 2.02
C LEU A 95 22.12 -18.25 1.46
N PHE A 96 21.17 -17.37 1.80
CA PHE A 96 21.30 -15.90 1.61
C PHE A 96 21.52 -15.31 2.99
N LEU A 97 22.34 -14.26 3.07
CA LEU A 97 22.55 -13.51 4.28
C LEU A 97 22.04 -12.13 4.00
N SER A 98 21.07 -11.65 4.79
CA SER A 98 20.52 -10.32 4.59
C SER A 98 21.26 -9.38 5.49
N ILE A 99 21.66 -8.25 4.94
CA ILE A 99 22.20 -7.18 5.78
C ILE A 99 21.37 -5.93 5.72
N SER A 100 21.33 -5.22 6.84
CA SER A 100 20.54 -4.03 6.92
C SER A 100 21.18 -2.97 7.83
N GLY A 101 22.37 -2.52 7.44
CA GLY A 101 23.04 -1.45 8.17
C GLY A 101 22.22 -0.20 8.27
N LEU A 102 22.45 0.55 9.33
CA LEU A 102 21.68 1.79 9.61
C LEU A 102 22.33 3.01 8.96
N SER A 103 23.42 2.77 8.27
CA SER A 103 24.11 3.78 7.44
C SER A 103 24.86 3.11 6.32
N VAL A 104 25.23 3.90 5.32
CA VAL A 104 26.01 3.35 4.26
C VAL A 104 27.32 2.80 4.78
N GLU A 105 28.03 3.48 5.71
CA GLU A 105 29.30 2.98 6.25
C GLU A 105 29.20 1.62 6.96
N GLU A 106 28.14 1.47 7.71
CA GLU A 106 27.86 0.17 8.41
C GLU A 106 27.70 -1.00 7.41
N ASN A 107 26.94 -0.76 6.35
CA ASN A 107 26.80 -1.73 5.25
C ASN A 107 28.15 -2.07 4.57
N VAL A 108 28.98 -1.05 4.24
CA VAL A 108 30.28 -1.28 3.63
C VAL A 108 31.15 -2.14 4.55
N ALA A 109 31.09 -1.88 5.84
CA ALA A 109 31.94 -2.63 6.76
C ALA A 109 31.60 -4.13 6.80
N MET A 110 30.32 -4.43 6.79
CA MET A 110 29.85 -5.82 6.78
C MET A 110 30.16 -6.46 5.45
N VAL A 111 29.86 -5.79 4.31
CA VAL A 111 30.08 -6.50 3.06
C VAL A 111 31.62 -6.78 2.76
N ARG A 112 32.49 -5.89 3.24
CA ARG A 112 33.92 -6.13 3.08
C ARG A 112 34.32 -7.42 3.72
N ARG A 113 33.80 -7.68 4.92
CA ARG A 113 34.00 -8.93 5.65
C ARG A 113 33.33 -10.16 5.01
N LEU A 114 32.10 -10.00 4.55
CA LEU A 114 31.34 -11.09 3.92
C LEU A 114 31.97 -11.61 2.61
N ALA A 115 32.64 -10.74 1.87
CA ALA A 115 33.11 -11.10 0.54
C ALA A 115 33.90 -12.38 0.48
N PRO A 116 34.93 -12.54 1.34
CA PRO A 116 35.72 -13.75 1.23
C PRO A 116 34.88 -15.00 1.53
N VAL A 117 33.92 -14.86 2.43
CA VAL A 117 33.03 -15.97 2.76
C VAL A 117 32.09 -16.28 1.57
N ALA A 118 31.54 -15.27 0.95
CA ALA A 118 30.71 -15.41 -0.22
C ALA A 118 31.50 -16.11 -1.29
N GLN A 119 32.72 -15.64 -1.52
CA GLN A 119 33.58 -16.28 -2.49
C GLN A 119 33.88 -17.73 -2.19
N GLU A 120 34.25 -18.05 -0.95
CA GLU A 120 34.68 -19.38 -0.67
C GLU A 120 33.54 -20.36 -0.40
N LYS A 121 32.46 -19.93 0.23
CA LYS A 121 31.37 -20.87 0.59
C LYS A 121 30.15 -20.77 -0.34
N GLY A 122 30.01 -19.64 -0.99
CA GLY A 122 28.88 -19.36 -1.89
C GLY A 122 27.64 -18.76 -1.24
N VAL A 123 27.75 -18.33 0.02
CA VAL A 123 26.66 -17.49 0.61
C VAL A 123 26.29 -16.30 -0.27
N LEU A 124 24.99 -16.03 -0.42
CA LEU A 124 24.52 -14.97 -1.32
C LEU A 124 24.00 -13.77 -0.52
N LEU A 125 24.42 -12.59 -0.86
CA LEU A 125 24.02 -11.38 -0.15
C LEU A 125 22.72 -10.78 -0.63
N GLU A 126 21.78 -10.56 0.30
CA GLU A 126 20.59 -9.72 0.08
C GLU A 126 20.74 -8.47 0.91
N LEU A 127 20.93 -7.35 0.21
CA LEU A 127 21.01 -6.08 0.85
C LEU A 127 19.64 -5.43 1.02
N ASN A 128 19.29 -5.15 2.25
CA ASN A 128 17.98 -4.56 2.54
C ASN A 128 17.96 -3.06 2.37
N LEU A 129 17.29 -2.59 1.31
CA LEU A 129 17.18 -1.14 1.11
C LEU A 129 15.91 -0.56 1.67
N SER A 130 15.03 -1.39 2.22
N SER A 130 15.09 -1.45 2.18
CA SER A 130 13.79 -0.90 2.78
CA SER A 130 13.86 -0.97 2.74
C SER A 130 14.01 -0.76 4.23
C SER A 130 14.07 -0.82 4.19
N CYS A 131 14.98 0.08 4.56
CA CYS A 131 15.43 0.37 5.93
C CYS A 131 15.67 1.85 6.18
N PRO A 132 15.56 2.26 7.44
CA PRO A 132 15.86 3.61 7.88
C PRO A 132 17.27 4.09 7.54
N ASN A 133 17.37 5.39 7.23
CA ASN A 133 18.65 6.09 7.05
C ASN A 133 18.80 7.14 8.15
N VAL A 134 18.70 8.41 7.77
CA VAL A 134 18.57 9.47 8.74
C VAL A 134 17.12 9.67 9.20
N PRO A 135 16.87 9.68 10.49
CA PRO A 135 15.48 9.89 10.92
C PRO A 135 14.97 11.25 10.43
N GLY A 136 13.74 11.31 9.98
CA GLY A 136 13.18 12.45 9.30
C GLY A 136 13.37 12.48 7.78
N LYS A 137 14.17 11.59 7.27
CA LYS A 137 14.20 11.34 5.85
C LYS A 137 13.45 10.01 5.57
N PRO A 138 13.09 9.81 4.30
CA PRO A 138 12.41 8.54 3.97
C PRO A 138 13.38 7.39 3.97
N GLN A 139 12.83 6.20 4.00
CA GLN A 139 13.66 5.03 4.05
C GLN A 139 14.52 5.03 2.78
N VAL A 140 15.63 4.28 2.83
CA VAL A 140 16.65 4.43 1.79
C VAL A 140 16.07 4.27 0.36
N ALA A 141 15.27 3.22 0.13
CA ALA A 141 14.77 2.97 -1.22
C ALA A 141 13.68 3.96 -1.65
N TYR A 142 13.20 4.80 -0.75
CA TYR A 142 12.33 5.91 -1.15
C TYR A 142 13.12 7.24 -1.28
N ASP A 143 14.43 7.17 -1.25
CA ASP A 143 15.33 8.35 -1.42
C ASP A 143 16.34 7.91 -2.48
N PHE A 144 16.06 8.21 -3.74
CA PHE A 144 16.76 7.60 -4.86
C PHE A 144 18.22 8.00 -4.86
N GLU A 145 18.52 9.19 -4.39
CA GLU A 145 19.97 9.55 -4.25
C GLU A 145 20.68 8.70 -3.18
N ALA A 146 20.01 8.46 -2.04
CA ALA A 146 20.59 7.62 -1.02
C ALA A 146 20.77 6.20 -1.53
N MET A 147 19.75 5.74 -2.26
CA MET A 147 19.81 4.42 -2.80
C MET A 147 20.99 4.26 -3.73
N ARG A 148 21.19 5.23 -4.62
CA ARG A 148 22.31 5.16 -5.54
C ARG A 148 23.62 5.11 -4.77
N THR A 149 23.70 5.92 -3.75
CA THR A 149 24.93 5.94 -2.91
C THR A 149 25.20 4.61 -2.26
N TYR A 150 24.16 4.01 -1.70
CA TYR A 150 24.34 2.71 -1.05
C TYR A 150 24.81 1.66 -2.04
N LEU A 151 24.19 1.62 -3.22
CA LEU A 151 24.59 0.63 -4.24
C LEU A 151 25.98 0.83 -4.79
N GLN A 152 26.36 2.10 -4.99
CA GLN A 152 27.69 2.40 -5.46
C GLN A 152 28.74 1.90 -4.42
N GLN A 153 28.52 2.27 -3.15
CA GLN A 153 29.50 1.91 -2.09
C GLN A 153 29.56 0.39 -1.80
N VAL A 154 28.40 -0.28 -1.79
CA VAL A 154 28.38 -1.69 -1.59
C VAL A 154 28.95 -2.41 -2.81
N SER A 155 28.64 -1.96 -4.02
CA SER A 155 29.21 -2.60 -5.19
C SER A 155 30.76 -2.54 -5.12
N LEU A 156 31.29 -1.38 -4.87
CA LEU A 156 32.76 -1.26 -4.77
C LEU A 156 33.38 -2.08 -3.63
N ALA A 157 32.74 -2.08 -2.47
CA ALA A 157 33.24 -2.82 -1.30
C ALA A 157 33.10 -4.29 -1.39
N TYR A 158 32.05 -4.77 -2.06
CA TYR A 158 31.80 -6.20 -2.08
C TYR A 158 32.40 -6.86 -3.28
N GLY A 159 32.11 -6.34 -4.45
CA GLY A 159 32.76 -6.83 -5.65
C GLY A 159 32.29 -8.10 -6.25
N LEU A 160 31.17 -8.62 -5.76
CA LEU A 160 30.59 -9.86 -6.18
C LEU A 160 29.09 -9.62 -6.43
N PRO A 161 28.50 -10.52 -7.17
CA PRO A 161 27.06 -10.48 -7.41
C PRO A 161 26.27 -10.48 -6.11
N PHE A 162 25.27 -9.62 -6.05
CA PHE A 162 24.39 -9.59 -4.86
C PHE A 162 22.98 -9.26 -5.29
N GLY A 163 22.06 -9.22 -4.34
CA GLY A 163 20.74 -8.70 -4.66
C GLY A 163 20.26 -7.74 -3.60
N VAL A 164 19.12 -7.14 -3.90
CA VAL A 164 18.57 -6.14 -3.07
C VAL A 164 17.10 -6.46 -2.69
N LYS A 165 16.70 -6.09 -1.49
CA LYS A 165 15.31 -6.13 -0.99
C LYS A 165 14.67 -4.76 -1.04
N MET A 166 13.61 -4.64 -1.84
CA MET A 166 12.96 -3.37 -2.14
C MET A 166 11.61 -3.24 -1.41
N PRO A 167 11.29 -2.01 -0.95
CA PRO A 167 9.96 -1.69 -0.49
C PRO A 167 9.06 -1.66 -1.70
N PRO A 168 7.74 -1.73 -1.46
CA PRO A 168 6.79 -1.49 -2.55
C PRO A 168 6.75 -0.06 -2.98
N TYR A 169 6.58 0.10 -4.29
CA TYR A 169 6.20 1.39 -4.89
C TYR A 169 4.77 1.37 -5.42
N PHE A 170 4.20 2.58 -5.57
CA PHE A 170 2.80 2.77 -5.84
C PHE A 170 2.50 3.71 -7.03
N ASP A 171 3.56 4.16 -7.67
CA ASP A 171 3.48 5.18 -8.72
C ASP A 171 4.41 4.70 -9.86
N ILE A 172 3.94 4.76 -11.11
CA ILE A 172 4.67 4.29 -12.23
C ILE A 172 5.99 5.08 -12.35
N ALA A 173 5.94 6.36 -12.02
CA ALA A 173 7.14 7.17 -12.14
C ALA A 173 8.24 6.64 -11.17
N HIS A 174 7.80 6.15 -10.00
CA HIS A 174 8.74 5.57 -9.02
C HIS A 174 9.28 4.21 -9.55
N PHE A 175 8.42 3.37 -10.20
CA PHE A 175 8.93 2.12 -10.77
C PHE A 175 10.02 2.45 -11.80
N ASP A 176 9.75 3.45 -12.62
CA ASP A 176 10.71 3.79 -13.67
C ASP A 176 11.99 4.26 -13.05
N THR A 177 11.92 5.14 -12.11
CA THR A 177 13.14 5.71 -11.49
C THR A 177 13.92 4.65 -10.72
N ALA A 178 13.20 3.82 -9.95
CA ALA A 178 13.87 2.84 -9.12
C ALA A 178 14.55 1.80 -9.94
N ALA A 179 13.92 1.32 -11.01
CA ALA A 179 14.54 0.33 -11.85
C ALA A 179 15.76 0.86 -12.60
N ALA A 180 15.69 2.09 -13.00
CA ALA A 180 16.80 2.75 -13.69
C ALA A 180 18.00 2.87 -12.77
N VAL A 181 17.78 3.24 -11.52
CA VAL A 181 18.86 3.19 -10.52
C VAL A 181 19.45 1.78 -10.41
N LEU A 182 18.60 0.76 -10.23
CA LEU A 182 19.14 -0.55 -10.13
C LEU A 182 19.93 -1.02 -11.34
N ASN A 183 19.46 -0.64 -12.52
CA ASN A 183 20.08 -1.03 -13.78
C ASN A 183 21.46 -0.36 -14.02
N GLU A 184 21.76 0.68 -13.26
CA GLU A 184 23.12 1.22 -13.20
C GLU A 184 24.15 0.25 -12.60
N PHE A 185 23.69 -0.78 -11.84
CA PHE A 185 24.57 -1.63 -11.08
C PHE A 185 24.59 -3.03 -11.52
N PRO A 186 25.58 -3.39 -12.34
CA PRO A 186 25.63 -4.72 -12.89
C PRO A 186 25.79 -5.85 -11.87
N LEU A 187 26.35 -5.56 -10.71
CA LEU A 187 26.49 -6.56 -9.69
C LEU A 187 25.14 -6.91 -8.99
N VAL A 188 24.13 -6.05 -9.16
CA VAL A 188 22.82 -6.34 -8.58
C VAL A 188 22.17 -7.38 -9.53
N LYS A 189 22.19 -8.63 -9.13
CA LYS A 189 21.73 -9.71 -10.00
C LYS A 189 20.35 -10.20 -9.66
N PHE A 190 19.87 -9.92 -8.46
CA PHE A 190 18.45 -10.18 -8.12
C PHE A 190 17.83 -9.04 -7.31
N VAL A 191 16.51 -8.86 -7.49
CA VAL A 191 15.74 -7.82 -6.84
C VAL A 191 14.53 -8.51 -6.18
N THR A 192 14.46 -8.43 -4.87
CA THR A 192 13.38 -8.98 -4.08
C THR A 192 12.27 -7.92 -3.87
N CYS A 193 11.07 -8.22 -4.44
CA CYS A 193 9.90 -7.42 -4.40
C CYS A 193 8.83 -8.24 -3.70
N VAL A 194 8.36 -7.88 -2.48
CA VAL A 194 8.61 -6.63 -1.75
C VAL A 194 8.77 -6.82 -0.23
N ASN A 195 9.35 -5.83 0.39
CA ASN A 195 9.28 -5.69 1.85
C ASN A 195 7.84 -5.29 2.25
N SER A 196 7.61 -5.15 3.55
CA SER A 196 6.28 -4.86 4.07
C SER A 196 5.75 -3.49 3.64
N VAL A 197 4.45 -3.44 3.36
CA VAL A 197 3.78 -2.20 3.02
C VAL A 197 3.84 -1.25 4.25
N GLY A 198 4.58 -0.16 4.10
CA GLY A 198 4.94 0.64 5.22
C GLY A 198 3.88 1.34 6.01
N ASN A 199 4.09 1.43 7.31
CA ASN A 199 3.27 2.28 8.16
C ASN A 199 1.79 2.19 8.01
N GLY A 200 1.27 0.95 8.06
CA GLY A 200 -0.14 0.75 8.27
C GLY A 200 -0.45 0.84 9.74
N LEU A 201 -1.73 0.77 10.09
CA LEU A 201 -2.20 0.91 11.45
C LEU A 201 -3.38 -0.06 11.67
N VAL A 202 -3.16 -1.04 12.51
CA VAL A 202 -4.23 -1.99 12.92
C VAL A 202 -4.80 -1.54 14.27
N ILE A 203 -6.11 -1.47 14.30
CA ILE A 203 -6.86 -1.11 15.49
C ILE A 203 -7.85 -2.22 15.84
N ASP A 204 -7.82 -2.61 17.11
CA ASP A 204 -8.72 -3.59 17.67
C ASP A 204 -10.01 -2.87 18.18
N ALA A 205 -11.13 -3.20 17.60
CA ALA A 205 -12.36 -2.49 17.92
C ALA A 205 -12.86 -2.70 19.34
N GLU A 206 -12.71 -3.91 19.89
CA GLU A 206 -13.12 -4.19 21.28
C GLU A 206 -12.34 -3.41 22.36
N SER A 207 -11.03 -3.31 22.18
CA SER A 207 -10.15 -2.64 23.14
C SER A 207 -9.93 -1.16 22.73
N GLU A 208 -10.37 -0.75 21.54
CA GLU A 208 -10.17 0.61 21.04
C GLU A 208 -8.72 0.98 20.97
N SER A 209 -7.87 0.00 20.79
CA SER A 209 -6.42 0.19 20.92
C SER A 209 -5.66 -0.30 19.70
N VAL A 210 -4.55 0.38 19.36
CA VAL A 210 -3.62 -0.20 18.44
C VAL A 210 -3.09 -1.55 19.01
N VAL A 211 -2.46 -2.36 18.19
CA VAL A 211 -2.10 -3.73 18.57
C VAL A 211 -0.58 -3.93 18.76
N ILE A 212 0.24 -2.96 18.33
CA ILE A 212 1.66 -3.00 18.60
C ILE A 212 2.07 -1.75 19.31
N LYS A 213 3.08 -1.90 20.16
CA LYS A 213 3.54 -0.83 21.02
C LYS A 213 4.42 0.28 20.35
N PRO A 214 5.37 -0.13 19.49
CA PRO A 214 6.22 0.92 18.95
C PRO A 214 5.48 1.87 18.00
N LYS A 215 6.00 3.11 17.85
CA LYS A 215 5.55 4.09 16.86
CA LYS A 215 5.52 4.04 16.84
C LYS A 215 4.00 4.25 16.88
N GLN A 216 3.41 4.25 18.08
CA GLN A 216 1.95 4.55 18.23
C GLN A 216 1.10 3.58 17.41
N GLY A 217 1.64 2.39 17.23
CA GLY A 217 0.91 1.26 16.59
C GLY A 217 1.16 1.14 15.09
N PHE A 218 1.93 2.08 14.50
CA PHE A 218 2.19 2.07 13.08
C PHE A 218 3.26 1.03 12.77
N GLY A 219 3.09 0.26 11.73
CA GLY A 219 4.07 -0.72 11.37
C GLY A 219 3.86 -1.29 10.00
N GLY A 220 4.80 -2.14 9.60
CA GLY A 220 4.72 -2.65 8.25
C GLY A 220 3.75 -3.82 8.12
N LEU A 221 3.11 -3.88 6.95
CA LEU A 221 2.03 -4.80 6.72
C LEU A 221 2.52 -5.89 5.85
N GLY A 222 2.08 -7.11 6.16
CA GLY A 222 2.36 -8.24 5.33
C GLY A 222 1.11 -9.09 5.24
N GLY A 223 1.19 -10.10 4.41
CA GLY A 223 0.17 -11.06 4.25
C GLY A 223 -0.87 -10.76 3.15
N LYS A 224 -2.08 -11.29 3.35
CA LYS A 224 -3.12 -11.17 2.30
C LYS A 224 -3.38 -9.74 1.87
N TYR A 225 -3.24 -8.78 2.80
CA TYR A 225 -3.37 -7.36 2.44
C TYR A 225 -2.51 -6.97 1.24
N ILE A 226 -1.35 -7.57 1.06
CA ILE A 226 -0.33 -7.00 0.14
C ILE A 226 -0.06 -7.76 -1.15
N LEU A 227 -0.82 -8.83 -1.41
CA LEU A 227 -0.53 -9.67 -2.58
C LEU A 227 -0.61 -8.87 -3.89
N PRO A 228 -1.70 -8.10 -4.13
CA PRO A 228 -1.72 -7.41 -5.42
C PRO A 228 -0.62 -6.37 -5.56
N THR A 229 -0.24 -5.80 -4.43
CA THR A 229 0.82 -4.81 -4.42
C THR A 229 2.13 -5.55 -4.76
N ALA A 230 2.34 -6.72 -4.12
CA ALA A 230 3.55 -7.55 -4.39
C ALA A 230 3.66 -7.96 -5.84
N LEU A 231 2.58 -8.50 -6.42
CA LEU A 231 2.54 -8.90 -7.82
C LEU A 231 2.88 -7.69 -8.70
N ALA A 232 2.30 -6.56 -8.44
CA ALA A 232 2.61 -5.41 -9.30
C ALA A 232 4.09 -5.10 -9.30
N ASN A 233 4.66 -5.05 -8.11
CA ASN A 233 6.06 -4.71 -7.97
C ASN A 233 6.94 -5.77 -8.59
N VAL A 234 6.61 -7.06 -8.42
CA VAL A 234 7.39 -8.13 -9.07
C VAL A 234 7.35 -7.89 -10.61
N ASN A 235 6.16 -7.68 -11.13
CA ASN A 235 6.03 -7.60 -12.60
C ASN A 235 6.68 -6.30 -13.14
N ALA A 236 6.47 -5.19 -12.43
CA ALA A 236 7.08 -3.89 -12.82
C ALA A 236 8.61 -3.96 -12.94
N PHE A 237 9.25 -4.61 -11.96
CA PHE A 237 10.69 -4.83 -12.01
C PHE A 237 11.13 -5.90 -13.00
N TYR A 238 10.32 -6.97 -13.19
CA TYR A 238 10.61 -8.01 -14.16
C TYR A 238 10.67 -7.42 -15.54
N ARG A 239 9.75 -6.51 -15.81
CA ARG A 239 9.67 -5.86 -17.14
C ARG A 239 10.77 -4.82 -17.31
N ARG A 240 11.16 -4.15 -16.26
CA ARG A 240 12.09 -3.01 -16.34
C ARG A 240 13.56 -3.50 -16.17
N CYS A 241 13.77 -4.69 -15.62
CA CYS A 241 15.14 -5.13 -15.37
C CYS A 241 15.41 -6.45 -16.03
N PRO A 242 15.57 -6.43 -17.37
CA PRO A 242 15.60 -7.74 -18.02
C PRO A 242 16.89 -8.50 -17.83
N ASP A 243 17.93 -7.82 -17.38
CA ASP A 243 19.15 -8.52 -17.06
C ASP A 243 19.28 -8.99 -15.62
N LYS A 244 18.24 -8.86 -14.79
CA LYS A 244 18.28 -9.25 -13.37
C LYS A 244 17.16 -10.26 -13.13
N LEU A 245 17.30 -11.00 -12.05
CA LEU A 245 16.25 -11.90 -11.55
C LEU A 245 15.39 -11.07 -10.62
N VAL A 246 14.15 -11.54 -10.45
CA VAL A 246 13.27 -10.95 -9.50
C VAL A 246 12.80 -12.10 -8.63
N PHE A 247 12.89 -11.87 -7.32
CA PHE A 247 12.32 -12.74 -6.31
C PHE A 247 11.03 -12.11 -5.81
N GLY A 248 10.01 -12.95 -5.67
CA GLY A 248 8.75 -12.38 -5.20
C GLY A 248 8.58 -12.62 -3.76
N CYS A 249 8.01 -11.64 -3.04
CA CYS A 249 7.70 -11.77 -1.64
C CYS A 249 6.45 -10.93 -1.37
N GLY A 250 5.43 -11.51 -0.72
CA GLY A 250 4.28 -10.74 -0.24
C GLY A 250 2.99 -11.51 -0.49
N GLY A 251 2.32 -11.83 0.57
CA GLY A 251 1.02 -12.46 0.42
C GLY A 251 1.00 -13.87 -0.06
N VAL A 252 2.09 -14.63 0.05
CA VAL A 252 2.04 -16.07 -0.31
C VAL A 252 1.54 -16.88 0.87
N TYR A 253 0.40 -17.52 0.68
CA TYR A 253 -0.19 -18.52 1.57
C TYR A 253 -0.48 -19.87 0.89
N SER A 254 -0.36 -19.96 -0.42
CA SER A 254 -0.72 -21.15 -1.15
C SER A 254 0.08 -21.33 -2.42
N GLY A 255 -0.04 -22.49 -3.00
CA GLY A 255 0.64 -22.71 -4.25
C GLY A 255 0.06 -21.82 -5.34
N GLU A 256 -1.22 -21.48 -5.25
CA GLU A 256 -1.82 -20.56 -6.21
C GLU A 256 -1.19 -19.19 -6.11
N ASP A 257 -0.97 -18.72 -4.89
CA ASP A 257 -0.32 -17.41 -4.73
C ASP A 257 1.09 -17.43 -5.29
N ALA A 258 1.83 -18.54 -5.09
CA ALA A 258 3.15 -18.66 -5.59
C ALA A 258 3.10 -18.67 -7.12
N PHE A 259 2.15 -19.46 -7.65
CA PHE A 259 1.94 -19.47 -9.14
C PHE A 259 1.73 -18.07 -9.73
N LEU A 260 0.97 -17.21 -9.08
CA LEU A 260 0.77 -15.83 -9.56
C LEU A 260 2.05 -15.03 -9.52
N HIS A 261 2.76 -15.09 -8.38
CA HIS A 261 4.10 -14.51 -8.35
C HIS A 261 5.01 -14.92 -9.51
N ILE A 262 4.99 -16.19 -9.87
CA ILE A 262 5.89 -16.73 -10.86
C ILE A 262 5.43 -16.27 -12.24
N LEU A 263 4.14 -16.30 -12.45
CA LEU A 263 3.58 -15.67 -13.69
C LEU A 263 3.96 -14.22 -13.85
N ALA A 264 4.06 -13.51 -12.72
CA ALA A 264 4.44 -12.08 -12.73
C ALA A 264 5.90 -11.85 -13.04
N GLY A 265 6.71 -12.88 -12.83
CA GLY A 265 8.15 -12.78 -13.11
C GLY A 265 9.02 -13.38 -12.00
N ALA A 266 8.46 -13.88 -10.89
CA ALA A 266 9.30 -14.32 -9.77
C ALA A 266 10.16 -15.56 -10.13
N SER A 267 11.43 -15.57 -9.69
CA SER A 267 12.30 -16.74 -9.80
C SER A 267 12.40 -17.57 -8.51
N MET A 268 12.70 -16.92 -7.38
CA MET A 268 12.41 -17.47 -6.03
C MET A 268 11.14 -16.82 -5.52
N VAL A 269 10.45 -17.47 -4.59
CA VAL A 269 9.24 -16.98 -3.92
C VAL A 269 9.50 -17.12 -2.39
N GLN A 270 9.43 -15.99 -1.71
CA GLN A 270 9.67 -15.89 -0.28
C GLN A 270 8.30 -15.88 0.45
N VAL A 271 8.34 -16.43 1.67
CA VAL A 271 7.17 -16.58 2.47
C VAL A 271 7.44 -16.04 3.85
N GLY A 272 6.71 -14.98 4.22
CA GLY A 272 6.87 -14.35 5.52
C GLY A 272 5.74 -14.60 6.48
N THR A 273 4.71 -13.75 6.49
CA THR A 273 3.53 -13.85 7.37
C THR A 273 3.03 -15.29 7.43
N ALA A 274 2.84 -15.90 6.29
CA ALA A 274 2.21 -17.27 6.32
C ALA A 274 3.10 -18.30 6.96
N LEU A 275 4.42 -18.16 6.78
CA LEU A 275 5.38 -18.98 7.50
C LEU A 275 5.42 -18.73 9.01
N GLN A 276 5.38 -17.47 9.42
CA GLN A 276 5.34 -17.07 10.79
C GLN A 276 4.10 -17.71 11.44
N GLU A 277 3.02 -17.81 10.71
CA GLU A 277 1.78 -18.31 11.32
C GLU A 277 1.60 -19.80 11.27
N GLU A 278 1.99 -20.44 10.16
CA GLU A 278 1.82 -21.85 9.97
C GLU A 278 3.01 -22.72 10.37
N GLY A 279 4.23 -22.15 10.31
CA GLY A 279 5.40 -22.88 10.58
C GLY A 279 5.97 -23.56 9.37
N PRO A 280 7.16 -24.14 9.50
CA PRO A 280 7.83 -24.58 8.28
C PRO A 280 7.22 -25.73 7.53
N GLY A 281 6.24 -26.42 8.12
CA GLY A 281 5.50 -27.37 7.31
C GLY A 281 4.85 -26.76 6.10
N ILE A 282 4.68 -25.45 6.11
CA ILE A 282 4.05 -24.79 4.96
C ILE A 282 4.76 -25.13 3.67
N PHE A 283 6.09 -25.31 3.70
CA PHE A 283 6.82 -25.55 2.47
C PHE A 283 6.39 -26.80 1.72
N THR A 284 6.11 -27.88 2.44
CA THR A 284 5.61 -29.09 1.73
C THR A 284 4.28 -28.84 1.08
N ARG A 285 3.38 -28.11 1.76
CA ARG A 285 2.09 -27.76 1.24
C ARG A 285 2.20 -26.92 0.02
N LEU A 286 3.05 -25.89 0.06
CA LEU A 286 3.17 -25.06 -1.09
C LEU A 286 3.72 -25.77 -2.30
N GLU A 287 4.70 -26.63 -2.09
CA GLU A 287 5.27 -27.46 -3.19
C GLU A 287 4.17 -28.31 -3.81
N ASP A 288 3.40 -28.99 -2.95
CA ASP A 288 2.31 -29.84 -3.43
C ASP A 288 1.25 -29.07 -4.19
N GLU A 289 0.87 -27.92 -3.63
CA GLU A 289 -0.16 -27.09 -4.29
C GLU A 289 0.30 -26.54 -5.65
N LEU A 290 1.54 -26.05 -5.72
CA LEU A 290 2.05 -25.53 -6.96
C LEU A 290 2.15 -26.66 -7.99
N LEU A 291 2.66 -27.81 -7.55
CA LEU A 291 2.78 -28.97 -8.50
C LEU A 291 1.41 -29.39 -9.00
N GLU A 292 0.37 -29.30 -8.15
CA GLU A 292 -0.96 -29.67 -8.57
C GLU A 292 -1.49 -28.71 -9.67
N ILE A 293 -1.26 -27.40 -9.47
CA ILE A 293 -1.61 -26.43 -10.49
C ILE A 293 -0.89 -26.65 -11.79
N MET A 294 0.42 -26.86 -11.71
CA MET A 294 1.20 -27.19 -12.90
C MET A 294 0.66 -28.45 -13.61
N ALA A 295 0.31 -29.49 -12.87
CA ALA A 295 -0.23 -30.75 -13.51
C ALA A 295 -1.55 -30.49 -14.25
N ARG A 296 -2.42 -29.68 -13.68
CA ARG A 296 -3.72 -29.37 -14.26
C ARG A 296 -3.52 -28.64 -15.58
N LYS A 297 -2.53 -27.76 -15.61
CA LYS A 297 -2.18 -26.92 -16.80
C LYS A 297 -1.18 -27.55 -17.76
N GLY A 298 -0.68 -28.73 -17.46
CA GLY A 298 0.33 -29.32 -18.33
C GLY A 298 1.71 -28.68 -18.35
N TYR A 299 2.06 -27.91 -17.31
CA TYR A 299 3.37 -27.29 -17.22
C TYR A 299 4.34 -28.26 -16.52
N ARG A 300 5.50 -28.48 -17.10
CA ARG A 300 6.44 -29.42 -16.51
C ARG A 300 7.54 -28.71 -15.70
N THR A 301 7.78 -27.45 -15.99
CA THR A 301 8.83 -26.67 -15.32
C THR A 301 8.38 -25.23 -15.10
N LEU A 302 9.05 -24.57 -14.18
CA LEU A 302 8.74 -23.17 -13.85
C LEU A 302 8.99 -22.20 -15.01
N GLU A 303 10.00 -22.49 -15.82
CA GLU A 303 10.33 -21.60 -16.94
C GLU A 303 9.24 -21.56 -17.98
N GLU A 304 8.38 -22.57 -18.02
CA GLU A 304 7.32 -22.62 -19.02
C GLU A 304 6.34 -21.54 -18.79
N PHE A 305 6.21 -21.06 -17.56
CA PHE A 305 5.24 -19.99 -17.27
C PHE A 305 5.78 -18.74 -16.59
N ARG A 306 7.02 -18.77 -16.08
CA ARG A 306 7.58 -17.59 -15.41
C ARG A 306 7.48 -16.34 -16.30
N GLY A 307 6.91 -15.26 -15.78
CA GLY A 307 6.82 -14.01 -16.49
C GLY A 307 5.78 -13.99 -17.61
N ARG A 308 4.99 -15.06 -17.71
CA ARG A 308 4.11 -15.21 -18.88
C ARG A 308 2.68 -14.76 -18.59
N VAL A 309 2.52 -13.95 -17.55
CA VAL A 309 1.23 -13.30 -17.31
C VAL A 309 0.77 -12.66 -18.64
N LYS A 310 -0.49 -12.91 -18.96
CA LYS A 310 -1.12 -12.33 -20.16
C LYS A 310 -1.77 -11.01 -19.83
N THR A 311 -1.66 -10.08 -20.75
CA THR A 311 -2.46 -8.87 -20.62
C THR A 311 -3.64 -8.89 -21.59
N ILE A 312 -4.55 -7.94 -21.45
CA ILE A 312 -5.74 -7.90 -22.28
C ILE A 312 -5.54 -6.93 -23.47
N GLU A 313 -5.61 -7.47 -24.69
CA GLU A 313 -5.73 -6.72 -25.97
C GLU A 313 -4.76 -5.54 -26.10
N MET B 1 -30.59 5.62 18.05
CA MET B 1 -30.36 6.92 17.35
C MET B 1 -29.73 7.94 18.31
N CYS B 2 -29.24 9.06 17.78
CA CYS B 2 -29.05 9.28 16.33
C CYS B 2 -27.61 9.75 16.10
N LEU B 3 -27.19 9.75 14.83
CA LEU B 3 -25.79 9.96 14.41
C LEU B 3 -25.56 11.29 13.73
N LYS B 4 -26.46 12.28 13.95
CA LYS B 4 -26.43 13.57 13.36
C LYS B 4 -25.17 14.32 13.80
N LEU B 5 -24.55 15.08 12.88
CA LEU B 5 -23.42 15.93 13.16
C LEU B 5 -23.37 17.17 12.26
N ASN B 6 -22.62 18.17 12.74
CA ASN B 6 -22.45 19.47 12.08
CA ASN B 6 -22.42 19.41 12.05
C ASN B 6 -20.96 19.53 11.78
N LEU B 7 -20.62 19.88 10.56
CA LEU B 7 -19.22 20.03 10.09
C LEU B 7 -19.27 21.06 9.01
N LEU B 8 -18.21 21.84 8.92
CA LEU B 8 -18.07 22.81 7.86
C LEU B 8 -19.35 23.64 7.66
N ASP B 9 -20.02 24.03 8.72
CA ASP B 9 -21.27 24.84 8.56
C ASP B 9 -22.46 24.17 7.86
N HIS B 10 -22.48 22.84 7.86
CA HIS B 10 -23.54 22.04 7.33
C HIS B 10 -23.91 20.97 8.33
N VAL B 11 -25.16 20.58 8.26
CA VAL B 11 -25.71 19.52 9.12
C VAL B 11 -25.74 18.24 8.29
N PHE B 12 -25.32 17.13 8.93
CA PHE B 12 -25.28 15.81 8.30
C PHE B 12 -26.10 14.87 9.20
N ALA B 13 -26.90 14.04 8.58
CA ALA B 13 -27.78 13.10 9.32
C ALA B 13 -26.93 12.02 9.96
N ASN B 14 -25.78 11.74 9.33
CA ASN B 14 -24.89 10.68 9.76
C ASN B 14 -23.57 10.89 9.02
N PRO B 15 -22.53 10.21 9.46
CA PRO B 15 -21.19 10.49 8.92
C PRO B 15 -20.87 9.79 7.56
N PHE B 16 -21.78 9.02 7.01
CA PHE B 16 -21.51 8.22 5.85
C PHE B 16 -21.79 8.94 4.54
N MET B 17 -20.97 8.70 3.53
CA MET B 17 -21.18 9.14 2.19
C MET B 17 -20.51 8.17 1.24
N ASN B 18 -20.79 8.28 -0.06
CA ASN B 18 -20.04 7.55 -0.99
C ASN B 18 -18.64 8.13 -1.12
N ALA B 19 -17.72 7.29 -1.59
CA ALA B 19 -16.39 7.71 -2.04
C ALA B 19 -16.50 8.25 -3.46
N ALA B 20 -15.72 9.27 -3.80
CA ALA B 20 -15.79 9.82 -5.09
C ALA B 20 -15.49 8.73 -6.11
N GLY B 21 -16.23 8.79 -7.21
CA GLY B 21 -16.11 7.88 -8.32
C GLY B 21 -17.12 6.73 -8.26
N VAL B 22 -17.71 6.50 -7.10
CA VAL B 22 -18.61 5.34 -6.95
C VAL B 22 -20.06 5.81 -6.84
N LEU B 23 -20.91 5.36 -7.73
CA LEU B 23 -22.30 5.74 -7.73
C LEU B 23 -22.54 7.27 -7.76
N CYS B 24 -21.69 7.98 -8.51
CA CYS B 24 -21.78 9.44 -8.58
C CYS B 24 -21.58 10.10 -9.96
N SER B 25 -21.55 9.33 -11.04
CA SER B 25 -21.18 9.87 -12.31
C SER B 25 -22.27 10.54 -13.13
N THR B 26 -23.44 9.94 -13.13
CA THR B 26 -24.58 10.46 -13.84
C THR B 26 -25.68 11.08 -12.97
N GLU B 27 -26.61 11.77 -13.61
CA GLU B 27 -27.64 12.38 -12.85
C GLU B 27 -28.39 11.23 -12.13
N GLU B 28 -28.64 10.17 -12.85
CA GLU B 28 -29.23 8.96 -12.21
C GLU B 28 -28.51 8.53 -10.94
N ASP B 29 -27.20 8.41 -11.08
CA ASP B 29 -26.35 8.00 -9.92
C ASP B 29 -26.53 8.97 -8.74
N LEU B 30 -26.36 10.27 -9.01
CA LEU B 30 -26.51 11.30 -7.99
C LEU B 30 -27.91 11.37 -7.36
N ARG B 31 -28.95 11.15 -8.16
CA ARG B 31 -30.27 11.02 -7.61
C ARG B 31 -30.48 9.81 -6.68
N CYS B 32 -29.86 8.71 -7.06
CA CYS B 32 -29.83 7.48 -6.28
C CYS B 32 -29.08 7.67 -4.97
N MET B 33 -27.95 8.33 -4.98
CA MET B 33 -27.19 8.62 -3.73
C MET B 33 -27.99 9.62 -2.89
N THR B 34 -28.68 10.56 -3.52
CA THR B 34 -29.45 11.51 -2.74
C THR B 34 -30.62 10.80 -2.00
N ALA B 35 -31.20 9.84 -2.67
CA ALA B 35 -32.37 9.06 -2.14
C ALA B 35 -31.97 8.11 -1.07
N SER B 36 -30.68 7.78 -1.05
CA SER B 36 -30.17 6.88 -0.02
C SER B 36 -30.17 7.43 1.36
N SER B 37 -29.82 6.56 2.32
CA SER B 37 -29.71 6.99 3.72
C SER B 37 -28.38 7.63 4.06
N SER B 38 -27.53 7.89 3.08
CA SER B 38 -26.23 8.49 3.41
C SER B 38 -26.39 9.90 3.94
N GLY B 39 -25.42 10.34 4.72
CA GLY B 39 -25.47 11.68 5.25
C GLY B 39 -25.04 12.77 4.29
N ALA B 40 -24.32 12.37 3.24
CA ALA B 40 -23.89 13.26 2.17
C ALA B 40 -23.54 12.43 0.87
N LEU B 41 -23.22 13.12 -0.21
CA LEU B 41 -22.75 12.48 -1.39
C LEU B 41 -21.68 13.36 -2.00
N VAL B 42 -20.85 12.73 -2.82
CA VAL B 42 -19.81 13.49 -3.52
C VAL B 42 -19.94 13.10 -4.99
N SER B 43 -19.76 14.03 -5.94
CA SER B 43 -19.90 13.69 -7.31
C SER B 43 -18.57 12.99 -7.84
N LYS B 44 -18.58 12.42 -9.03
CA LYS B 44 -17.42 11.81 -9.72
C LYS B 44 -16.39 12.92 -9.95
N SER B 45 -15.13 12.69 -9.71
CA SER B 45 -14.08 13.72 -10.06
C SER B 45 -14.27 14.15 -11.50
N CYS B 46 -14.18 15.46 -11.76
CA CYS B 46 -14.45 15.88 -13.08
C CYS B 46 -13.34 16.71 -13.66
N THR B 47 -13.41 16.80 -14.98
CA THR B 47 -12.48 17.55 -15.79
C THR B 47 -13.33 18.58 -16.59
N SER B 48 -12.67 19.55 -17.22
CA SER B 48 -13.37 20.59 -17.92
C SER B 48 -14.20 20.04 -19.01
N ALA B 49 -13.62 19.12 -19.81
CA ALA B 49 -14.37 18.46 -20.85
C ALA B 49 -14.80 17.05 -20.39
N PRO B 50 -15.86 16.55 -20.98
CA PRO B 50 -16.26 15.16 -20.73
C PRO B 50 -15.17 14.18 -21.17
N ARG B 51 -15.08 13.05 -20.52
CA ARG B 51 -14.14 12.03 -20.85
C ARG B 51 -14.83 10.68 -20.89
N ASP B 52 -14.44 9.88 -21.89
CA ASP B 52 -14.89 8.50 -21.99
C ASP B 52 -14.18 7.60 -20.97
N GLY B 53 -13.00 7.97 -20.53
CA GLY B 53 -12.23 7.07 -19.64
C GLY B 53 -11.51 6.04 -20.46
N ASN B 54 -10.93 5.08 -19.76
CA ASN B 54 -10.12 4.01 -20.33
C ASN B 54 -10.92 2.87 -20.88
N PRO B 55 -10.24 2.02 -21.70
CA PRO B 55 -10.94 0.80 -22.19
C PRO B 55 -11.41 -0.17 -21.14
N GLU B 56 -12.53 -0.82 -21.40
CA GLU B 56 -13.10 -1.87 -20.48
C GLU B 56 -12.54 -3.21 -20.79
N PRO B 57 -12.50 -4.13 -19.81
CA PRO B 57 -12.86 -3.94 -18.42
C PRO B 57 -11.85 -3.08 -17.69
N ARG B 58 -12.36 -2.20 -16.82
CA ARG B 58 -11.52 -1.25 -16.09
C ARG B 58 -11.76 -1.27 -14.58
N TYR B 59 -12.72 -2.09 -14.11
CA TYR B 59 -12.98 -2.27 -12.73
C TYR B 59 -13.27 -3.71 -12.50
N MET B 60 -12.73 -4.27 -11.42
CA MET B 60 -13.06 -5.67 -11.03
C MET B 60 -13.00 -5.78 -9.52
N ALA B 61 -13.93 -6.54 -8.98
CA ALA B 61 -13.93 -6.79 -7.57
C ALA B 61 -13.92 -8.26 -7.21
N PHE B 62 -13.45 -8.50 -6.00
CA PHE B 62 -13.14 -9.79 -5.44
C PHE B 62 -13.42 -9.74 -3.98
N PRO B 63 -13.41 -10.92 -3.30
CA PRO B 63 -13.74 -10.97 -1.91
C PRO B 63 -12.96 -9.99 -1.05
N LEU B 64 -11.70 -9.74 -1.39
CA LEU B 64 -10.86 -8.86 -0.55
C LEU B 64 -10.80 -7.41 -1.04
N GLY B 65 -11.38 -7.09 -2.19
CA GLY B 65 -11.41 -5.71 -2.62
C GLY B 65 -11.56 -5.54 -4.11
N SER B 66 -11.12 -4.38 -4.61
CA SER B 66 -11.29 -4.07 -6.01
C SER B 66 -10.00 -3.50 -6.60
N ILE B 67 -9.95 -3.53 -7.92
CA ILE B 67 -8.89 -2.86 -8.67
C ILE B 67 -9.55 -2.09 -9.80
N ASN B 68 -9.03 -0.90 -10.06
CA ASN B 68 -9.65 -0.06 -11.10
C ASN B 68 -8.61 0.80 -11.81
N SER B 69 -8.85 0.99 -13.12
CA SER B 69 -8.10 1.98 -13.86
C SER B 69 -9.17 2.62 -14.77
N MET B 70 -10.08 3.34 -14.14
CA MET B 70 -11.24 3.86 -14.85
C MET B 70 -10.78 4.90 -15.89
N GLY B 71 -9.78 5.65 -15.50
CA GLY B 71 -9.28 6.75 -16.36
C GLY B 71 -10.11 7.99 -16.41
N LEU B 72 -10.69 8.35 -15.28
CA LEU B 72 -11.48 9.53 -15.10
C LEU B 72 -12.63 9.76 -16.11
N PRO B 73 -13.41 8.73 -16.40
CA PRO B 73 -14.61 8.96 -17.20
C PRO B 73 -15.55 9.87 -16.41
N ASN B 74 -16.12 10.91 -17.03
CA ASN B 74 -17.04 11.83 -16.36
C ASN B 74 -17.74 12.66 -17.40
N LEU B 75 -18.85 13.26 -16.99
CA LEU B 75 -19.71 13.96 -17.91
C LEU B 75 -19.22 15.41 -18.17
N GLY B 76 -18.17 15.81 -17.48
CA GLY B 76 -17.59 17.10 -17.64
C GLY B 76 -18.08 18.05 -16.60
N PHE B 77 -17.26 19.03 -16.31
CA PHE B 77 -17.50 19.96 -15.25
C PHE B 77 -18.83 20.69 -15.43
N ASP B 78 -19.20 21.04 -16.68
CA ASP B 78 -20.42 21.82 -16.83
C ASP B 78 -21.64 21.07 -16.28
N PHE B 79 -21.66 19.76 -16.48
CA PHE B 79 -22.73 18.91 -15.94
C PHE B 79 -22.77 18.87 -14.42
N TYR B 80 -21.61 18.71 -13.77
CA TYR B 80 -21.63 18.59 -12.25
C TYR B 80 -21.98 19.94 -11.63
N LEU B 81 -21.53 21.02 -12.29
CA LEU B 81 -21.85 22.38 -11.85
C LEU B 81 -23.34 22.61 -11.94
N LYS B 82 -23.97 22.19 -13.04
CA LYS B 82 -25.37 22.34 -13.23
C LYS B 82 -26.14 21.50 -12.24
N TYR B 83 -25.66 20.29 -12.00
CA TYR B 83 -26.26 19.48 -10.92
C TYR B 83 -26.19 20.21 -9.58
N ALA B 84 -25.01 20.74 -9.27
CA ALA B 84 -24.88 21.46 -8.00
C ALA B 84 -25.78 22.71 -7.94
N SER B 85 -25.93 23.39 -9.07
CA SER B 85 -26.54 24.70 -9.05
CA SER B 85 -26.54 24.71 -9.05
C SER B 85 -28.05 24.63 -9.21
N ASP B 86 -28.54 23.67 -9.98
CA ASP B 86 -29.95 23.59 -10.35
C ASP B 86 -30.75 22.35 -9.93
N LEU B 87 -30.07 21.22 -9.76
CA LEU B 87 -30.76 19.90 -9.65
C LEU B 87 -30.67 19.29 -8.27
N HIS B 88 -29.63 19.58 -7.53
CA HIS B 88 -29.45 18.90 -6.23
C HIS B 88 -30.46 19.45 -5.26
N ASP B 89 -31.07 18.57 -4.50
CA ASP B 89 -31.89 18.98 -3.40
C ASP B 89 -31.14 19.07 -2.05
N TYR B 90 -30.73 20.29 -1.72
CA TYR B 90 -29.93 20.52 -0.52
C TYR B 90 -30.68 20.28 0.80
N SER B 91 -32.00 20.25 0.74
CA SER B 91 -32.80 19.93 1.92
C SER B 91 -32.68 18.47 2.27
N LYS B 92 -32.26 17.63 1.31
CA LYS B 92 -31.98 16.21 1.61
C LYS B 92 -30.64 15.94 2.30
N LYS B 93 -29.55 16.56 1.83
CA LYS B 93 -28.22 16.34 2.39
C LYS B 93 -27.22 17.23 1.64
N PRO B 94 -26.06 17.41 2.24
CA PRO B 94 -25.05 18.18 1.58
C PRO B 94 -24.43 17.49 0.37
N LEU B 95 -23.92 18.30 -0.52
CA LEU B 95 -23.21 17.83 -1.66
C LEU B 95 -21.78 18.32 -1.72
N PHE B 96 -20.86 17.40 -2.01
CA PHE B 96 -19.52 17.71 -2.34
C PHE B 96 -19.32 17.52 -3.82
N LEU B 97 -18.54 18.38 -4.45
CA LEU B 97 -18.21 18.24 -5.85
C LEU B 97 -16.71 17.93 -5.95
N SER B 98 -16.30 16.82 -6.57
CA SER B 98 -14.85 16.49 -6.71
C SER B 98 -14.33 16.98 -8.04
N ILE B 99 -13.24 17.75 -8.00
CA ILE B 99 -12.56 18.19 -9.22
C ILE B 99 -11.22 17.54 -9.36
N SER B 100 -10.91 17.09 -10.56
CA SER B 100 -9.67 16.42 -10.84
C SER B 100 -9.19 16.91 -12.22
N GLY B 101 -8.88 18.20 -12.33
CA GLY B 101 -8.24 18.63 -13.60
C GLY B 101 -6.87 17.99 -13.83
N LEU B 102 -6.41 18.02 -15.08
CA LEU B 102 -5.17 17.38 -15.51
C LEU B 102 -3.94 18.34 -15.39
N SER B 103 -4.21 19.57 -15.07
CA SER B 103 -3.15 20.56 -14.80
C SER B 103 -3.67 21.51 -13.81
N VAL B 104 -2.77 22.33 -13.31
CA VAL B 104 -3.20 23.34 -12.36
C VAL B 104 -4.14 24.35 -12.99
N GLU B 105 -3.86 24.77 -14.24
CA GLU B 105 -4.72 25.71 -14.93
C GLU B 105 -6.19 25.25 -15.04
N GLU B 106 -6.35 23.99 -15.40
CA GLU B 106 -7.68 23.38 -15.54
C GLU B 106 -8.44 23.43 -14.17
N ASN B 107 -7.78 23.03 -13.08
CA ASN B 107 -8.37 23.22 -11.73
C ASN B 107 -8.77 24.63 -11.40
N VAL B 108 -7.86 25.60 -11.67
CA VAL B 108 -8.17 26.97 -11.39
C VAL B 108 -9.40 27.44 -12.18
N ALA B 109 -9.52 27.05 -13.44
CA ALA B 109 -10.66 27.45 -14.27
C ALA B 109 -12.00 26.89 -13.78
N MET B 110 -11.97 25.64 -13.32
CA MET B 110 -13.16 25.05 -12.73
C MET B 110 -13.50 25.67 -11.39
N VAL B 111 -12.51 25.83 -10.48
CA VAL B 111 -12.85 26.42 -9.18
C VAL B 111 -13.35 27.90 -9.25
N ARG B 112 -12.87 28.66 -10.22
CA ARG B 112 -13.32 30.07 -10.34
C ARG B 112 -14.84 30.10 -10.57
N ARG B 113 -15.33 29.10 -11.29
CA ARG B 113 -16.72 28.97 -11.68
C ARG B 113 -17.55 28.36 -10.60
N LEU B 114 -16.91 27.48 -9.80
CA LEU B 114 -17.62 26.77 -8.76
C LEU B 114 -17.85 27.72 -7.60
N ALA B 115 -16.95 28.69 -7.38
CA ALA B 115 -17.05 29.56 -6.18
C ALA B 115 -18.43 30.22 -5.96
N PRO B 116 -19.02 30.83 -7.01
CA PRO B 116 -20.29 31.49 -6.75
C PRO B 116 -21.41 30.50 -6.41
N VAL B 117 -21.35 29.30 -6.99
CA VAL B 117 -22.30 28.26 -6.63
C VAL B 117 -22.13 27.74 -5.20
N ALA B 118 -20.86 27.64 -4.76
CA ALA B 118 -20.58 27.34 -3.40
C ALA B 118 -21.11 28.37 -2.44
N GLN B 119 -20.90 29.67 -2.75
CA GLN B 119 -21.46 30.75 -1.91
C GLN B 119 -22.95 30.69 -1.86
N GLU B 120 -23.59 30.46 -3.02
CA GLU B 120 -25.04 30.53 -3.15
C GLU B 120 -25.75 29.29 -2.59
N LYS B 121 -25.22 28.11 -2.93
CA LYS B 121 -25.89 26.86 -2.62
C LYS B 121 -25.24 26.06 -1.50
N GLY B 122 -23.98 26.33 -1.22
CA GLY B 122 -23.29 25.61 -0.15
C GLY B 122 -22.65 24.28 -0.56
N VAL B 123 -22.61 24.00 -1.86
CA VAL B 123 -21.87 22.86 -2.38
C VAL B 123 -20.46 22.98 -1.88
N LEU B 124 -19.87 21.83 -1.54
CA LEU B 124 -18.53 21.75 -0.98
C LEU B 124 -17.49 21.18 -1.95
N LEU B 125 -16.32 21.79 -2.06
CA LEU B 125 -15.27 21.33 -3.00
C LEU B 125 -14.33 20.27 -2.39
N GLU B 126 -14.16 19.11 -3.09
CA GLU B 126 -13.10 18.12 -2.83
C GLU B 126 -12.16 18.11 -4.00
N LEU B 127 -10.94 18.64 -3.79
CA LEU B 127 -9.95 18.71 -4.81
C LEU B 127 -9.14 17.42 -4.79
N ASN B 128 -9.10 16.74 -5.92
CA ASN B 128 -8.47 15.45 -5.99
C ASN B 128 -6.98 15.62 -6.37
N LEU B 129 -6.11 15.39 -5.41
CA LEU B 129 -4.67 15.53 -5.59
C LEU B 129 -3.98 14.26 -6.09
N SER B 130 -4.79 13.25 -6.42
CA SER B 130 -4.37 12.17 -7.30
C SER B 130 -4.51 12.53 -8.79
N CYS B 131 -4.90 13.76 -9.06
CA CYS B 131 -4.88 14.21 -10.42
C CYS B 131 -3.43 13.99 -10.85
N PRO B 132 -3.37 13.37 -12.03
CA PRO B 132 -2.12 13.04 -12.70
C PRO B 132 -1.47 14.33 -13.08
N ASN B 133 -0.18 14.37 -12.90
CA ASN B 133 0.58 15.58 -13.13
C ASN B 133 1.62 15.16 -14.14
N VAL B 134 2.10 16.13 -14.89
CA VAL B 134 2.86 15.86 -16.09
C VAL B 134 3.23 14.39 -16.10
N PRO B 135 3.09 13.76 -17.25
CA PRO B 135 3.35 12.33 -17.39
C PRO B 135 4.84 12.04 -17.23
N GLY B 136 5.30 10.92 -16.65
CA GLY B 136 6.75 10.83 -16.28
C GLY B 136 7.15 11.61 -15.01
N LYS B 137 6.17 12.23 -14.36
CA LYS B 137 6.33 12.84 -13.05
C LYS B 137 5.37 12.08 -12.16
N PRO B 138 5.56 12.10 -10.84
CA PRO B 138 4.68 11.39 -9.90
C PRO B 138 3.32 12.09 -9.71
N GLN B 139 2.26 11.38 -9.31
CA GLN B 139 1.00 12.06 -9.17
C GLN B 139 1.30 13.25 -8.30
N VAL B 140 0.45 14.28 -8.36
CA VAL B 140 0.76 15.55 -7.74
C VAL B 140 0.99 15.40 -6.24
N ALA B 141 0.19 14.61 -5.57
CA ALA B 141 0.34 14.45 -4.13
C ALA B 141 1.67 13.81 -3.73
N TYR B 142 2.30 13.12 -4.66
CA TYR B 142 3.58 12.48 -4.44
C TYR B 142 4.76 13.42 -4.88
N ASP B 143 4.41 14.63 -5.30
CA ASP B 143 5.35 15.70 -5.70
C ASP B 143 5.05 16.96 -4.88
N PHE B 144 5.73 17.17 -3.76
CA PHE B 144 5.28 18.09 -2.74
C PHE B 144 5.37 19.53 -3.21
N GLU B 145 6.33 19.83 -4.07
CA GLU B 145 6.33 21.17 -4.67
C GLU B 145 5.16 21.36 -5.67
N ALA B 146 4.82 20.35 -6.46
CA ALA B 146 3.63 20.50 -7.29
C ALA B 146 2.36 20.66 -6.43
N MET B 147 2.32 19.96 -5.28
CA MET B 147 1.13 19.97 -4.46
C MET B 147 0.94 21.36 -3.87
N ARG B 148 2.04 21.95 -3.41
CA ARG B 148 2.00 23.24 -2.82
C ARG B 148 1.53 24.26 -3.92
N THR B 149 1.97 24.07 -5.13
CA THR B 149 1.55 24.95 -6.27
C THR B 149 0.09 24.84 -6.55
N TYR B 150 -0.40 23.61 -6.60
CA TYR B 150 -1.78 23.39 -6.77
C TYR B 150 -2.56 24.10 -5.68
N LEU B 151 -2.21 23.92 -4.42
CA LEU B 151 -3.04 24.46 -3.38
C LEU B 151 -2.93 25.96 -3.33
N GLN B 152 -1.76 26.51 -3.61
CA GLN B 152 -1.59 27.99 -3.69
C GLN B 152 -2.54 28.60 -4.73
N GLN B 153 -2.53 28.03 -5.91
CA GLN B 153 -3.37 28.53 -7.03
C GLN B 153 -4.86 28.28 -6.77
N VAL B 154 -5.24 27.10 -6.26
CA VAL B 154 -6.66 26.83 -6.00
C VAL B 154 -7.16 27.73 -4.88
N SER B 155 -6.37 27.89 -3.82
CA SER B 155 -6.79 28.72 -2.72
C SER B 155 -7.05 30.16 -3.24
N LEU B 156 -6.16 30.66 -4.07
CA LEU B 156 -6.29 32.07 -4.58
C LEU B 156 -7.52 32.19 -5.50
N ALA B 157 -7.70 31.18 -6.32
CA ALA B 157 -8.78 31.22 -7.31
C ALA B 157 -10.14 30.96 -6.70
N TYR B 158 -10.22 30.10 -5.66
CA TYR B 158 -11.49 29.70 -5.12
C TYR B 158 -11.89 30.56 -3.93
N GLY B 159 -10.92 30.82 -3.04
CA GLY B 159 -11.16 31.70 -1.92
C GLY B 159 -12.14 31.32 -0.85
N LEU B 160 -12.61 30.06 -0.86
CA LEU B 160 -13.53 29.55 0.14
C LEU B 160 -12.91 28.26 0.70
N PRO B 161 -13.40 27.82 1.85
CA PRO B 161 -13.00 26.54 2.48
C PRO B 161 -13.21 25.41 1.51
N PHE B 162 -12.25 24.52 1.43
CA PHE B 162 -12.38 23.30 0.59
C PHE B 162 -11.57 22.20 1.24
N GLY B 163 -11.61 21.02 0.61
CA GLY B 163 -10.83 19.90 1.07
C GLY B 163 -10.10 19.27 -0.04
N VAL B 164 -9.28 18.30 0.33
CA VAL B 164 -8.38 17.64 -0.57
C VAL B 164 -8.49 16.12 -0.40
N LYS B 165 -8.44 15.37 -1.50
CA LYS B 165 -8.44 13.90 -1.55
C LYS B 165 -6.97 13.49 -1.75
N MET B 166 -6.44 12.76 -0.77
CA MET B 166 -5.06 12.39 -0.71
C MET B 166 -4.86 10.92 -1.02
N PRO B 167 -3.79 10.59 -1.78
CA PRO B 167 -3.34 9.24 -1.91
C PRO B 167 -2.72 8.78 -0.57
N PRO B 168 -2.63 7.44 -0.34
CA PRO B 168 -1.92 6.94 0.86
C PRO B 168 -0.44 7.21 0.82
N TYR B 169 0.12 7.54 1.97
CA TYR B 169 1.58 7.50 2.16
C TYR B 169 1.95 6.35 3.08
N PHE B 170 3.26 6.06 3.08
CA PHE B 170 3.80 4.80 3.64
C PHE B 170 5.06 4.99 4.41
N ASP B 171 5.42 6.26 4.64
CA ASP B 171 6.70 6.59 5.24
C ASP B 171 6.41 7.81 6.16
N ILE B 172 6.93 7.78 7.39
CA ILE B 172 6.57 8.79 8.37
C ILE B 172 7.13 10.15 7.89
N ALA B 173 8.29 10.15 7.25
CA ALA B 173 8.83 11.46 6.81
C ALA B 173 7.87 12.04 5.76
N HIS B 174 7.27 11.19 4.93
CA HIS B 174 6.28 11.72 3.96
C HIS B 174 5.01 12.25 4.65
N PHE B 175 4.49 11.56 5.66
CA PHE B 175 3.40 12.13 6.47
C PHE B 175 3.75 13.56 7.00
N ASP B 176 4.96 13.68 7.56
CA ASP B 176 5.40 14.96 8.10
C ASP B 176 5.45 16.05 7.01
N THR B 177 6.01 15.72 5.85
CA THR B 177 6.10 16.69 4.76
C THR B 177 4.73 17.03 4.21
N ALA B 178 3.88 16.01 3.98
CA ALA B 178 2.63 16.27 3.31
C ALA B 178 1.77 17.07 4.23
N ALA B 179 1.77 16.80 5.52
CA ALA B 179 0.89 17.49 6.44
C ALA B 179 1.37 18.94 6.59
N ALA B 180 2.68 19.12 6.54
CA ALA B 180 3.24 20.51 6.64
C ALA B 180 2.78 21.31 5.47
N VAL B 181 2.80 20.71 4.28
CA VAL B 181 2.26 21.43 3.11
C VAL B 181 0.82 21.81 3.33
N LEU B 182 -0.04 20.86 3.70
CA LEU B 182 -1.41 21.20 3.87
C LEU B 182 -1.70 22.27 4.91
N ASN B 183 -0.90 22.28 5.97
CA ASN B 183 -1.05 23.23 7.05
C ASN B 183 -0.61 24.60 6.62
N GLU B 184 0.01 24.71 5.47
CA GLU B 184 0.29 26.08 4.90
C GLU B 184 -0.95 26.77 4.39
N PHE B 185 -2.07 26.05 4.28
CA PHE B 185 -3.26 26.51 3.56
C PHE B 185 -4.47 26.50 4.44
N PRO B 186 -4.79 27.65 5.02
CA PRO B 186 -5.90 27.75 5.94
C PRO B 186 -7.25 27.46 5.36
N LEU B 187 -7.43 27.64 4.05
CA LEU B 187 -8.70 27.32 3.42
C LEU B 187 -8.91 25.79 3.27
N VAL B 188 -7.83 24.98 3.42
CA VAL B 188 -8.00 23.53 3.32
C VAL B 188 -8.55 23.07 4.67
N LYS B 189 -9.84 22.85 4.75
CA LYS B 189 -10.53 22.58 6.02
C LYS B 189 -10.79 21.09 6.26
N PHE B 190 -10.72 20.30 5.21
CA PHE B 190 -10.76 18.83 5.37
C PHE B 190 -9.84 18.11 4.42
N VAL B 191 -9.36 16.98 4.92
CA VAL B 191 -8.41 16.15 4.21
C VAL B 191 -9.09 14.76 4.16
N THR B 192 -9.24 14.19 2.96
CA THR B 192 -9.84 12.86 2.84
C THR B 192 -8.74 11.88 2.59
N CYS B 193 -8.58 10.95 3.51
CA CYS B 193 -7.58 9.89 3.48
C CYS B 193 -8.34 8.55 3.41
N VAL B 194 -8.25 7.74 2.36
CA VAL B 194 -7.32 7.78 1.29
C VAL B 194 -8.03 7.46 -0.02
N ASN B 195 -7.35 7.88 -1.10
CA ASN B 195 -7.61 7.37 -2.42
C ASN B 195 -7.09 5.92 -2.51
N SER B 196 -7.33 5.30 -3.62
CA SER B 196 -6.88 3.92 -3.87
C SER B 196 -5.38 3.77 -3.73
N VAL B 197 -4.97 2.59 -3.28
CA VAL B 197 -3.58 2.22 -3.15
C VAL B 197 -3.06 1.92 -4.58
N GLY B 198 -2.15 2.77 -5.02
CA GLY B 198 -1.82 2.87 -6.40
C GLY B 198 -1.11 1.70 -7.02
N ASN B 199 -1.51 1.40 -8.27
CA ASN B 199 -0.76 0.46 -9.09
C ASN B 199 -0.48 -0.93 -8.43
N GLY B 200 -1.53 -1.53 -7.90
CA GLY B 200 -1.50 -2.96 -7.66
C GLY B 200 -1.86 -3.73 -8.95
N LEU B 201 -1.76 -5.03 -8.84
CA LEU B 201 -1.89 -5.94 -9.98
C LEU B 201 -2.60 -7.19 -9.51
N VAL B 202 -3.80 -7.40 -10.05
CA VAL B 202 -4.56 -8.63 -9.80
C VAL B 202 -4.40 -9.57 -10.99
N ILE B 203 -4.05 -10.84 -10.71
CA ILE B 203 -3.89 -11.85 -11.75
C ILE B 203 -4.85 -12.95 -11.44
N ASP B 204 -5.51 -13.43 -12.48
CA ASP B 204 -6.41 -14.59 -12.36
C ASP B 204 -5.64 -15.87 -12.66
N ALA B 205 -5.56 -16.79 -11.71
CA ALA B 205 -4.77 -17.98 -11.88
C ALA B 205 -5.27 -18.89 -12.99
N GLU B 206 -6.59 -19.04 -13.12
CA GLU B 206 -7.15 -19.94 -14.14
C GLU B 206 -6.88 -19.55 -15.60
N SER B 207 -6.99 -18.25 -15.88
CA SER B 207 -6.78 -17.69 -17.17
C SER B 207 -5.33 -17.20 -17.38
N GLU B 208 -4.58 -17.10 -16.29
CA GLU B 208 -3.16 -16.62 -16.31
C GLU B 208 -3.07 -15.22 -16.84
N SER B 209 -4.08 -14.43 -16.60
CA SER B 209 -4.24 -13.13 -17.21
C SER B 209 -4.50 -12.14 -16.12
N VAL B 210 -4.05 -10.92 -16.31
CA VAL B 210 -4.52 -9.80 -15.53
C VAL B 210 -6.03 -9.58 -15.75
N VAL B 211 -6.68 -8.75 -14.92
CA VAL B 211 -8.16 -8.70 -14.93
C VAL B 211 -8.76 -7.40 -15.39
N ILE B 212 -7.93 -6.39 -15.57
CA ILE B 212 -8.32 -5.15 -16.21
C ILE B 212 -7.40 -4.85 -17.43
N LYS B 213 -7.98 -4.20 -18.41
CA LYS B 213 -7.33 -3.96 -19.68
C LYS B 213 -6.29 -2.80 -19.65
N PRO B 214 -6.64 -1.66 -19.07
CA PRO B 214 -5.63 -0.53 -19.16
C PRO B 214 -4.32 -0.88 -18.42
N LYS B 215 -3.23 -0.21 -18.84
CA LYS B 215 -1.97 -0.25 -18.16
C LYS B 215 -1.51 -1.63 -17.79
N GLN B 216 -1.68 -2.61 -18.70
CA GLN B 216 -1.21 -3.96 -18.53
C GLN B 216 -1.70 -4.58 -17.22
N GLY B 217 -2.87 -4.16 -16.75
CA GLY B 217 -3.53 -4.82 -15.61
C GLY B 217 -3.32 -4.05 -14.31
N PHE B 218 -2.47 -3.02 -14.34
CA PHE B 218 -2.13 -2.23 -13.13
C PHE B 218 -3.23 -1.21 -12.82
N GLY B 219 -3.60 -1.11 -11.56
CA GLY B 219 -4.66 -0.23 -11.10
C GLY B 219 -4.76 0.00 -9.61
N GLY B 220 -5.56 0.99 -9.25
CA GLY B 220 -5.70 1.33 -7.83
C GLY B 220 -6.52 0.29 -7.09
N LEU B 221 -6.06 -0.02 -5.88
CA LEU B 221 -6.70 -1.01 -5.02
C LEU B 221 -7.60 -0.33 -4.01
N GLY B 222 -8.73 -0.97 -3.78
CA GLY B 222 -9.66 -0.55 -2.76
C GLY B 222 -10.17 -1.76 -1.99
N GLY B 223 -10.89 -1.49 -0.91
CA GLY B 223 -11.57 -2.56 -0.14
C GLY B 223 -10.73 -3.12 0.99
N LYS B 224 -10.95 -4.37 1.33
CA LYS B 224 -10.30 -4.96 2.52
C LYS B 224 -8.78 -4.92 2.52
N TYR B 225 -8.18 -5.01 1.34
CA TYR B 225 -6.75 -4.85 1.19
C TYR B 225 -6.24 -3.61 1.86
N ILE B 226 -7.04 -2.53 1.90
CA ILE B 226 -6.42 -1.22 2.24
C ILE B 226 -6.83 -0.65 3.58
N LEU B 227 -7.61 -1.38 4.35
CA LEU B 227 -8.11 -0.81 5.60
C LEU B 227 -6.99 -0.33 6.56
N PRO B 228 -5.97 -1.15 6.84
CA PRO B 228 -4.95 -0.64 7.78
C PRO B 228 -4.12 0.55 7.24
N THR B 229 -3.99 0.62 5.93
CA THR B 229 -3.31 1.72 5.28
C THR B 229 -4.18 2.99 5.46
N ALA B 230 -5.45 2.83 5.23
CA ALA B 230 -6.41 3.94 5.35
C ALA B 230 -6.44 4.44 6.77
N LEU B 231 -6.54 3.52 7.74
CA LEU B 231 -6.54 3.91 9.15
C LEU B 231 -5.26 4.67 9.54
N ALA B 232 -4.14 4.22 9.05
CA ALA B 232 -2.88 4.89 9.33
C ALA B 232 -2.81 6.30 8.83
N ASN B 233 -3.29 6.51 7.58
CA ASN B 233 -3.25 7.82 6.99
C ASN B 233 -4.22 8.72 7.67
N VAL B 234 -5.38 8.16 8.04
CA VAL B 234 -6.38 8.95 8.75
C VAL B 234 -5.80 9.44 10.07
N ASN B 235 -5.18 8.55 10.82
CA ASN B 235 -4.65 8.93 12.12
C ASN B 235 -3.42 9.85 11.97
N ALA B 236 -2.58 9.59 10.98
CA ALA B 236 -1.36 10.41 10.81
C ALA B 236 -1.75 11.87 10.56
N PHE B 237 -2.78 12.10 9.70
CA PHE B 237 -3.19 13.45 9.35
C PHE B 237 -4.02 14.04 10.48
N TYR B 238 -4.80 13.20 11.16
CA TYR B 238 -5.54 13.67 12.31
C TYR B 238 -4.58 14.25 13.36
N ARG B 239 -3.51 13.54 13.63
CA ARG B 239 -2.53 14.00 14.60
C ARG B 239 -1.83 15.28 14.11
N ARG B 240 -1.62 15.36 12.82
CA ARG B 240 -0.72 16.45 12.27
C ARG B 240 -1.45 17.69 11.91
N CYS B 241 -2.76 17.59 11.76
CA CYS B 241 -3.54 18.72 11.23
C CYS B 241 -4.64 19.01 12.21
N PRO B 242 -4.26 19.53 13.38
CA PRO B 242 -5.26 19.75 14.39
C PRO B 242 -6.32 20.81 14.09
N ASP B 243 -6.09 21.68 13.11
CA ASP B 243 -7.11 22.67 12.69
C ASP B 243 -7.91 22.28 11.46
N LYS B 244 -7.83 21.01 11.04
CA LYS B 244 -8.57 20.54 9.88
C LYS B 244 -9.38 19.32 10.31
N LEU B 245 -10.40 19.00 9.54
CA LEU B 245 -11.08 17.71 9.67
C LEU B 245 -10.40 16.69 8.78
N VAL B 246 -10.49 15.42 9.14
CA VAL B 246 -10.05 14.34 8.34
C VAL B 246 -11.28 13.49 8.04
N PHE B 247 -11.46 13.18 6.76
CA PHE B 247 -12.51 12.28 6.29
C PHE B 247 -11.80 10.96 6.05
N GLY B 248 -12.39 9.84 6.52
CA GLY B 248 -11.80 8.56 6.21
C GLY B 248 -12.45 7.88 5.05
N CYS B 249 -11.62 7.21 4.28
CA CYS B 249 -11.97 6.46 3.13
C CYS B 249 -11.00 5.28 2.98
N GLY B 250 -11.55 4.07 2.83
CA GLY B 250 -10.76 2.91 2.57
C GLY B 250 -11.21 1.74 3.42
N GLY B 251 -11.63 0.68 2.76
CA GLY B 251 -11.94 -0.55 3.46
C GLY B 251 -13.14 -0.60 4.36
N VAL B 252 -14.09 0.32 4.20
CA VAL B 252 -15.26 0.28 5.03
C VAL B 252 -16.30 -0.67 4.45
N TYR B 253 -16.54 -1.75 5.13
CA TYR B 253 -17.62 -2.68 4.73
C TYR B 253 -18.68 -2.83 5.81
N SER B 254 -18.45 -2.31 7.01
CA SER B 254 -19.27 -2.58 8.18
C SER B 254 -19.24 -1.40 9.12
N GLY B 255 -20.19 -1.41 10.05
CA GLY B 255 -20.16 -0.41 11.09
C GLY B 255 -18.90 -0.49 11.94
N GLU B 256 -18.35 -1.70 12.14
CA GLU B 256 -17.09 -1.84 12.88
C GLU B 256 -15.95 -1.14 12.16
N ASP B 257 -15.95 -1.24 10.84
CA ASP B 257 -14.87 -0.57 10.09
C ASP B 257 -14.99 0.93 10.18
N ALA B 258 -16.22 1.44 10.08
CA ALA B 258 -16.52 2.85 10.30
C ALA B 258 -16.09 3.33 11.72
N PHE B 259 -16.40 2.48 12.70
CA PHE B 259 -15.99 2.75 14.11
C PHE B 259 -14.47 2.94 14.21
N LEU B 260 -13.72 2.11 13.51
CA LEU B 260 -12.24 2.20 13.53
C LEU B 260 -11.74 3.46 12.83
N HIS B 261 -12.32 3.79 11.67
CA HIS B 261 -12.01 5.06 11.06
C HIS B 261 -12.25 6.25 12.00
N ILE B 262 -13.36 6.25 12.69
CA ILE B 262 -13.73 7.32 13.57
C ILE B 262 -12.75 7.39 14.78
N LEU B 263 -12.41 6.23 15.29
CA LEU B 263 -11.41 6.16 16.41
C LEU B 263 -10.07 6.71 15.96
N ALA B 264 -9.74 6.46 14.68
CA ALA B 264 -8.53 6.98 14.11
C ALA B 264 -8.57 8.48 13.92
N GLY B 265 -9.77 9.08 13.87
CA GLY B 265 -9.89 10.55 13.76
C GLY B 265 -10.89 11.00 12.69
N ALA B 266 -11.46 10.06 11.93
CA ALA B 266 -12.40 10.46 10.88
C ALA B 266 -13.68 11.19 11.37
N SER B 267 -14.04 12.25 10.64
CA SER B 267 -15.25 13.02 10.89
C SER B 267 -16.37 12.47 9.98
N MET B 268 -16.14 12.40 8.69
CA MET B 268 -17.03 11.68 7.75
C MET B 268 -16.29 10.39 7.35
N VAL B 269 -17.06 9.37 6.97
CA VAL B 269 -16.54 8.08 6.53
C VAL B 269 -17.14 7.85 5.12
N GLN B 270 -16.27 7.68 4.17
CA GLN B 270 -16.67 7.40 2.78
C GLN B 270 -16.56 5.93 2.44
N VAL B 271 -17.45 5.49 1.53
CA VAL B 271 -17.60 4.09 1.21
C VAL B 271 -17.50 3.91 -0.31
N GLY B 272 -16.49 3.18 -0.77
CA GLY B 272 -16.18 3.03 -2.16
C GLY B 272 -16.53 1.63 -2.64
N THR B 273 -15.56 0.75 -2.65
CA THR B 273 -15.71 -0.63 -3.11
C THR B 273 -16.97 -1.29 -2.52
N ALA B 274 -17.17 -1.20 -1.22
CA ALA B 274 -18.30 -1.96 -0.63
C ALA B 274 -19.64 -1.45 -1.12
N LEU B 275 -19.73 -0.15 -1.40
CA LEU B 275 -20.92 0.48 -1.97
C LEU B 275 -21.07 0.06 -3.43
N GLN B 276 -19.94 0.00 -4.16
CA GLN B 276 -20.00 -0.47 -5.55
C GLN B 276 -20.59 -1.90 -5.56
N GLU B 277 -20.21 -2.71 -4.58
CA GLU B 277 -20.58 -4.09 -4.62
C GLU B 277 -21.93 -4.34 -4.01
N GLU B 278 -22.33 -3.59 -2.98
CA GLU B 278 -23.54 -3.88 -2.22
C GLU B 278 -24.73 -3.04 -2.66
N GLY B 279 -24.44 -1.87 -3.19
CA GLY B 279 -25.42 -0.90 -3.51
C GLY B 279 -25.76 0.01 -2.35
N PRO B 280 -26.63 0.98 -2.61
CA PRO B 280 -26.88 2.06 -1.65
C PRO B 280 -27.64 1.63 -0.38
N GLY B 281 -28.19 0.41 -0.40
CA GLY B 281 -28.71 -0.17 0.83
C GLY B 281 -27.68 -0.28 1.91
N ILE B 282 -26.38 -0.35 1.54
CA ILE B 282 -25.32 -0.45 2.50
C ILE B 282 -25.44 0.64 3.58
N PHE B 283 -25.93 1.84 3.23
CA PHE B 283 -25.95 2.94 4.19
C PHE B 283 -26.85 2.69 5.40
N THR B 284 -27.95 2.03 5.21
CA THR B 284 -28.78 1.70 6.39
C THR B 284 -28.13 0.69 7.29
N ARG B 285 -27.46 -0.30 6.70
CA ARG B 285 -26.75 -1.32 7.47
C ARG B 285 -25.60 -0.71 8.22
N LEU B 286 -24.83 0.16 7.59
CA LEU B 286 -23.74 0.76 8.28
C LEU B 286 -24.15 1.60 9.46
N GLU B 287 -25.22 2.34 9.29
CA GLU B 287 -25.79 3.14 10.33
C GLU B 287 -26.18 2.25 11.50
N ASP B 288 -26.91 1.18 11.20
CA ASP B 288 -27.43 0.31 12.24
C ASP B 288 -26.26 -0.32 12.99
N GLU B 289 -25.26 -0.78 12.24
CA GLU B 289 -24.12 -1.46 12.84
C GLU B 289 -23.32 -0.51 13.73
N LEU B 290 -23.14 0.74 13.27
CA LEU B 290 -22.36 1.72 14.04
C LEU B 290 -23.10 2.11 15.36
N LEU B 291 -24.42 2.33 15.25
CA LEU B 291 -25.26 2.62 16.42
C LEU B 291 -25.20 1.41 17.38
N GLU B 292 -25.09 0.20 16.87
CA GLU B 292 -25.15 -1.01 17.73
C GLU B 292 -23.83 -1.11 18.54
N ILE B 293 -22.72 -0.86 17.86
CA ILE B 293 -21.41 -0.78 18.55
C ILE B 293 -21.35 0.36 19.59
N MET B 294 -21.88 1.53 19.26
CA MET B 294 -21.94 2.68 20.21
C MET B 294 -22.77 2.28 21.43
N ALA B 295 -23.92 1.65 21.17
CA ALA B 295 -24.80 1.25 22.26
C ALA B 295 -24.10 0.29 23.18
N ARG B 296 -23.41 -0.67 22.60
CA ARG B 296 -22.78 -1.72 23.39
C ARG B 296 -21.68 -1.13 24.29
N LYS B 297 -20.97 -0.13 23.78
CA LYS B 297 -19.92 0.57 24.49
C LYS B 297 -20.36 1.72 25.39
N GLY B 298 -21.61 2.11 25.32
CA GLY B 298 -22.09 3.26 26.07
C GLY B 298 -21.78 4.60 25.47
N TYR B 299 -21.44 4.65 24.16
CA TYR B 299 -21.16 5.92 23.56
C TYR B 299 -22.44 6.52 23.03
N ARG B 300 -22.70 7.77 23.37
CA ARG B 300 -23.90 8.44 22.86
C ARG B 300 -23.62 9.32 21.67
N THR B 301 -22.36 9.73 21.48
CA THR B 301 -21.98 10.66 20.46
C THR B 301 -20.71 10.15 19.76
N LEU B 302 -20.50 10.60 18.53
CA LEU B 302 -19.27 10.34 17.79
C LEU B 302 -18.11 11.07 18.43
N GLU B 303 -18.37 12.31 18.86
CA GLU B 303 -17.35 13.15 19.51
C GLU B 303 -16.68 12.44 20.67
N GLU B 304 -17.43 11.59 21.37
CA GLU B 304 -16.89 10.87 22.58
C GLU B 304 -15.70 10.02 22.23
N PHE B 305 -15.63 9.49 21.01
CA PHE B 305 -14.58 8.55 20.64
C PHE B 305 -13.77 8.94 19.40
N ARG B 306 -14.12 10.02 18.71
CA ARG B 306 -13.38 10.35 17.52
C ARG B 306 -11.97 10.71 17.92
N GLY B 307 -11.02 10.04 17.26
CA GLY B 307 -9.61 10.29 17.48
C GLY B 307 -9.06 9.68 18.73
N ARG B 308 -9.88 8.95 19.46
CA ARG B 308 -9.42 8.45 20.74
C ARG B 308 -8.88 7.05 20.74
N VAL B 309 -8.38 6.60 19.60
CA VAL B 309 -7.65 5.37 19.57
C VAL B 309 -6.56 5.40 20.69
N LYS B 310 -6.50 4.31 21.39
CA LYS B 310 -5.48 4.11 22.43
C LYS B 310 -4.18 3.57 21.90
N THR B 311 -3.06 4.09 22.39
CA THR B 311 -1.73 3.54 22.10
C THR B 311 -1.27 2.70 23.29
N ILE B 312 -0.22 1.94 23.16
CA ILE B 312 0.22 1.07 24.26
C ILE B 312 1.37 1.73 24.99
N GLU B 313 1.19 1.95 26.29
CA GLU B 313 2.20 2.33 27.30
C GLU B 313 2.58 3.79 27.21
#